data_2BNM
#
_entry.id   2BNM
#
_cell.length_a   86.363
_cell.length_b   86.363
_cell.length_c   221.440
_cell.angle_alpha   90.00
_cell.angle_beta   90.00
_cell.angle_gamma   120.00
#
_symmetry.space_group_name_H-M   'P 65 2 2'
#
loop_
_entity.id
_entity.type
_entity.pdbx_description
1 polymer EPOXIDASE
2 non-polymer 'ZINC ION'
3 non-polymer 'SULFATE ION'
4 water water
#
_entity_poly.entity_id   1
_entity_poly.type   'polypeptide(L)'
_entity_poly.pdbx_seq_one_letter_code
;MSNTKTASTGFAELLKDRREQVKMDHAALASLLGETPETVAAWENGEGGELTLTQLGRIAHVLGTSIGALTPPAGNDLDD
GVIIQMPDERPILKGVRDNVDYYVYNCLVRTKRAPSLVPLVVDVLTDNPDDAKFNSGHAGNEFLFVLEGEIHMKWGDKEN
PKEALLPTGASMFVEEHVPHAFTAAKGTGSAKLIAVNF
;
_entity_poly.pdbx_strand_id   A,B
#
loop_
_chem_comp.id
_chem_comp.type
_chem_comp.name
_chem_comp.formula
SO4 non-polymer 'SULFATE ION' 'O4 S -2'
ZN non-polymer 'ZINC ION' 'Zn 2'
#
# COMPACT_ATOMS: atom_id res chain seq x y z
N LYS A 5 9.94 -7.06 -14.86
CA LYS A 5 10.64 -7.83 -13.79
C LYS A 5 10.44 -7.21 -12.41
N THR A 6 10.33 -5.87 -12.36
CA THR A 6 10.12 -5.16 -11.09
C THR A 6 8.93 -5.73 -10.31
N ALA A 7 7.78 -5.87 -10.96
CA ALA A 7 6.59 -6.36 -10.28
C ALA A 7 6.78 -7.79 -9.77
N SER A 8 7.25 -8.68 -10.64
CA SER A 8 7.42 -10.09 -10.24
C SER A 8 8.53 -10.28 -9.24
N THR A 9 9.63 -9.53 -9.39
CA THR A 9 10.74 -9.61 -8.45
C THR A 9 10.38 -9.05 -7.09
N GLY A 10 9.69 -7.91 -7.07
CA GLY A 10 9.24 -7.31 -5.82
C GLY A 10 8.20 -8.18 -5.14
N PHE A 11 7.24 -8.69 -5.92
CA PHE A 11 6.28 -9.67 -5.39
C PHE A 11 7.00 -10.88 -4.79
N ALA A 12 7.98 -11.44 -5.52
CA ALA A 12 8.74 -12.60 -5.00
C ALA A 12 9.33 -12.34 -3.60
N GLU A 13 9.95 -11.17 -3.43
CA GLU A 13 10.55 -10.78 -2.16
C GLU A 13 9.52 -10.54 -1.06
N LEU A 14 8.45 -9.84 -1.39
CA LEU A 14 7.45 -9.45 -0.39
C LEU A 14 6.60 -10.64 0.04
N LEU A 15 6.35 -11.54 -0.92
CA LEU A 15 5.60 -12.77 -0.65
C LEU A 15 6.39 -13.59 0.38
N LYS A 16 7.69 -13.80 0.11
CA LYS A 16 8.55 -14.55 1.02
C LYS A 16 8.56 -13.92 2.41
N ASP A 17 8.79 -12.62 2.48
CA ASP A 17 8.80 -11.91 3.76
C ASP A 17 7.49 -12.14 4.53
N ARG A 18 6.35 -11.98 3.85
CA ARG A 18 5.08 -12.07 4.56
C ARG A 18 4.79 -13.50 4.99
N ARG A 19 5.09 -14.44 4.12
CA ARG A 19 4.85 -15.85 4.43
C ARG A 19 5.64 -16.25 5.69
N GLU A 20 6.90 -15.80 5.75
CA GLU A 20 7.76 -16.04 6.90
C GLU A 20 7.26 -15.30 8.16
N GLN A 21 6.75 -14.08 7.97
CA GLN A 21 6.21 -13.28 9.08
C GLN A 21 5.06 -14.00 9.77
N VAL A 22 4.22 -14.71 9.00
CA VAL A 22 3.08 -15.42 9.57
C VAL A 22 3.34 -16.92 9.81
N LYS A 23 4.62 -17.28 9.90
CA LYS A 23 5.05 -18.66 10.26
C LYS A 23 4.44 -19.75 9.39
N MET A 24 4.42 -19.49 8.08
CA MET A 24 4.03 -20.51 7.13
C MET A 24 5.26 -20.95 6.34
N ASP A 25 5.41 -22.26 6.13
CA ASP A 25 6.38 -22.76 5.17
C ASP A 25 5.69 -22.88 3.82
N HIS A 26 6.41 -23.27 2.78
CA HIS A 26 5.80 -23.33 1.45
C HIS A 26 4.57 -24.23 1.40
N ALA A 27 4.67 -25.40 2.02
CA ALA A 27 3.58 -26.38 2.08
C ALA A 27 2.33 -25.85 2.78
N ALA A 28 2.52 -25.14 3.88
CA ALA A 28 1.41 -24.49 4.60
C ALA A 28 0.65 -23.51 3.73
N LEU A 29 1.37 -22.59 3.08
CA LEU A 29 0.71 -21.61 2.19
C LEU A 29 0.07 -22.29 0.99
N ALA A 30 0.84 -23.20 0.36
CA ALA A 30 0.37 -23.95 -0.79
C ALA A 30 -1.01 -24.63 -0.50
N SER A 31 -1.10 -25.30 0.63
CA SER A 31 -2.33 -26.00 1.02
C SER A 31 -3.51 -25.04 1.07
N LEU A 32 -3.31 -23.87 1.70
CA LEU A 32 -4.38 -22.87 1.83
C LEU A 32 -4.87 -22.37 0.48
N LEU A 33 -3.96 -22.38 -0.51
CA LEU A 33 -4.25 -21.89 -1.83
C LEU A 33 -4.69 -22.98 -2.82
N GLY A 34 -4.57 -24.23 -2.40
CA GLY A 34 -4.79 -25.33 -3.35
C GLY A 34 -3.72 -25.46 -4.42
N GLU A 35 -2.50 -25.10 -4.07
CA GLU A 35 -1.39 -25.21 -5.02
C GLU A 35 -0.38 -26.19 -4.46
N THR A 36 0.67 -26.50 -5.22
CA THR A 36 1.77 -27.28 -4.67
C THR A 36 2.81 -26.38 -4.01
N PRO A 37 3.64 -26.92 -3.12
CA PRO A 37 4.72 -26.14 -2.55
C PRO A 37 5.68 -25.64 -3.65
N GLU A 38 5.86 -26.42 -4.72
CA GLU A 38 6.79 -26.03 -5.80
C GLU A 38 6.29 -24.78 -6.50
N THR A 39 4.97 -24.69 -6.68
CA THR A 39 4.35 -23.48 -7.25
C THR A 39 4.64 -22.24 -6.42
N VAL A 40 4.51 -22.34 -5.11
CA VAL A 40 4.82 -21.22 -4.20
C VAL A 40 6.29 -20.85 -4.24
N ALA A 41 7.15 -21.88 -4.25
CA ALA A 41 8.59 -21.69 -4.37
C ALA A 41 8.91 -20.92 -5.66
N ALA A 42 8.23 -21.28 -6.75
CA ALA A 42 8.44 -20.65 -8.07
C ALA A 42 8.07 -19.17 -7.99
N TRP A 43 6.94 -18.87 -7.33
CA TRP A 43 6.60 -17.45 -7.15
C TRP A 43 7.70 -16.69 -6.43
N GLU A 44 8.28 -17.29 -5.38
CA GLU A 44 9.33 -16.64 -4.61
C GLU A 44 10.68 -16.62 -5.38
N ASN A 45 10.72 -17.32 -6.50
CA ASN A 45 11.89 -17.32 -7.41
C ASN A 45 11.66 -16.39 -8.62
N GLY A 46 10.60 -15.58 -8.55
CA GLY A 46 10.33 -14.54 -9.57
C GLY A 46 9.37 -14.94 -10.66
N GLU A 47 8.73 -16.10 -10.50
CA GLU A 47 7.86 -16.64 -11.55
C GLU A 47 6.38 -16.38 -11.34
N GLY A 48 6.06 -15.29 -10.63
CA GLY A 48 4.68 -14.88 -10.40
C GLY A 48 4.05 -13.87 -11.33
N GLY A 49 4.74 -13.54 -12.42
CA GLY A 49 4.34 -12.43 -13.29
C GLY A 49 3.00 -12.63 -13.96
N GLU A 50 2.57 -13.90 -14.18
CA GLU A 50 1.28 -14.17 -14.86
C GLU A 50 0.11 -14.41 -13.89
N LEU A 51 0.39 -14.28 -12.59
CA LEU A 51 -0.69 -14.32 -11.61
C LEU A 51 -1.68 -13.20 -11.88
N THR A 52 -2.96 -13.53 -11.87
CA THR A 52 -4.02 -12.53 -12.17
C THR A 52 -4.33 -11.71 -10.92
N LEU A 53 -5.01 -10.60 -11.14
CA LEU A 53 -5.50 -9.77 -10.03
C LEU A 53 -6.33 -10.61 -9.04
N THR A 54 -7.19 -11.46 -9.58
CA THR A 54 -8.04 -12.26 -8.72
C THR A 54 -7.20 -13.24 -7.88
N GLN A 55 -6.23 -13.87 -8.52
CA GLN A 55 -5.32 -14.78 -7.81
C GLN A 55 -4.48 -14.07 -6.75
N LEU A 56 -3.99 -12.86 -7.07
CA LEU A 56 -3.22 -12.08 -6.12
C LEU A 56 -4.10 -11.76 -4.94
N GLY A 57 -5.38 -11.46 -5.18
CA GLY A 57 -6.36 -11.21 -4.12
C GLY A 57 -6.50 -12.40 -3.16
N ARG A 58 -6.46 -13.61 -3.70
CA ARG A 58 -6.62 -14.79 -2.88
C ARG A 58 -5.36 -15.03 -2.05
N ILE A 59 -4.20 -14.74 -2.64
CA ILE A 59 -2.94 -14.91 -1.91
C ILE A 59 -2.91 -13.91 -0.75
N ALA A 60 -3.27 -12.66 -1.06
CA ALA A 60 -3.31 -11.65 -0.01
C ALA A 60 -4.28 -12.05 1.10
N HIS A 61 -5.45 -12.56 0.71
CA HIS A 61 -6.44 -12.97 1.69
C HIS A 61 -5.89 -14.01 2.67
N VAL A 62 -5.32 -15.08 2.11
CA VAL A 62 -4.84 -16.17 3.00
C VAL A 62 -3.68 -15.70 3.90
N LEU A 63 -2.92 -14.72 3.41
CA LEU A 63 -1.84 -14.11 4.19
C LEU A 63 -2.33 -12.94 5.10
N GLY A 64 -3.64 -12.73 5.14
CA GLY A 64 -4.27 -11.75 6.03
C GLY A 64 -3.80 -10.33 5.77
N THR A 65 -3.54 -10.02 4.50
CA THR A 65 -3.04 -8.68 4.16
C THR A 65 -3.59 -8.19 2.81
N SER A 66 -2.99 -7.15 2.27
CA SER A 66 -3.46 -6.56 0.99
C SER A 66 -2.52 -6.91 -0.16
N ILE A 67 -3.02 -6.76 -1.39
CA ILE A 67 -2.13 -6.91 -2.54
C ILE A 67 -0.99 -5.87 -2.48
N GLY A 68 -1.34 -4.68 -2.00
CA GLY A 68 -0.34 -3.59 -1.83
C GLY A 68 0.82 -3.99 -0.97
N ALA A 69 0.53 -4.72 0.11
CA ALA A 69 1.59 -5.16 1.02
C ALA A 69 2.50 -6.17 0.34
N LEU A 70 1.99 -6.82 -0.71
CA LEU A 70 2.79 -7.84 -1.42
C LEU A 70 3.44 -7.38 -2.72
N THR A 71 3.27 -6.09 -3.04
CA THR A 71 3.82 -5.54 -4.27
C THR A 71 4.69 -4.33 -3.97
N PRO A 72 5.68 -4.05 -4.82
CA PRO A 72 6.66 -3.01 -4.51
C PRO A 72 6.07 -1.58 -4.60
N PRO A 73 6.75 -0.61 -3.99
CA PRO A 73 6.33 0.79 -4.12
C PRO A 73 6.51 1.25 -5.55
N ALA A 74 6.05 2.48 -5.84
CA ALA A 74 5.98 2.97 -7.21
C ALA A 74 7.28 2.93 -7.99
N GLY A 75 8.41 3.15 -7.32
CA GLY A 75 9.67 3.17 -8.08
C GLY A 75 10.28 4.58 -8.14
N ASN A 76 11.51 4.66 -8.63
CA ASN A 76 12.25 5.92 -8.62
C ASN A 76 12.55 6.41 -10.03
N ASP A 77 12.01 7.59 -10.38
CA ASP A 77 12.18 8.17 -11.69
C ASP A 77 12.93 9.50 -11.61
N LEU A 78 13.61 9.71 -10.48
CA LEU A 78 14.38 10.95 -10.27
C LEU A 78 15.82 10.85 -10.76
N ASP A 79 16.40 12.01 -11.05
CA ASP A 79 17.81 12.14 -11.45
C ASP A 79 18.51 12.77 -10.26
N ASP A 80 19.12 11.96 -9.42
CA ASP A 80 19.71 12.43 -8.15
C ASP A 80 18.74 13.32 -7.39
N GLY A 81 17.50 12.86 -7.28
CA GLY A 81 16.51 13.54 -6.42
C GLY A 81 15.66 14.58 -7.10
N VAL A 82 15.89 14.81 -8.40
CA VAL A 82 15.15 15.84 -9.14
C VAL A 82 14.52 15.31 -10.41
N ILE A 83 13.35 15.85 -10.75
CA ILE A 83 12.83 15.69 -12.08
C ILE A 83 12.35 17.03 -12.62
N ILE A 84 12.64 17.25 -13.89
CA ILE A 84 12.31 18.52 -14.51
C ILE A 84 11.47 18.28 -15.74
N GLN A 85 10.64 19.27 -16.06
CA GLN A 85 9.83 19.23 -17.26
C GLN A 85 9.94 20.57 -17.98
N MET A 86 10.29 20.52 -19.26
CA MET A 86 10.33 21.73 -20.08
C MET A 86 8.93 22.05 -20.56
N PRO A 87 8.61 23.33 -20.81
CA PRO A 87 7.24 23.69 -21.17
C PRO A 87 6.71 23.04 -22.46
N ASP A 88 7.59 22.74 -23.41
CA ASP A 88 7.17 22.05 -24.64
C ASP A 88 6.72 20.60 -24.40
N GLU A 89 7.11 20.03 -23.24
CA GLU A 89 6.88 18.61 -22.89
C GLU A 89 5.51 18.32 -22.26
N ARG A 90 4.77 19.35 -21.86
CA ARG A 90 3.57 19.10 -21.06
C ARG A 90 2.57 18.29 -21.84
N PRO A 91 2.02 17.24 -21.23
CA PRO A 91 0.81 16.67 -21.75
C PRO A 91 -0.25 17.73 -21.69
N ILE A 92 -0.97 17.91 -22.81
CA ILE A 92 -2.08 18.83 -22.85
C ILE A 92 -3.29 17.93 -22.95
N LEU A 93 -4.12 18.00 -21.92
CA LEU A 93 -5.28 17.14 -21.81
C LEU A 93 -6.56 17.96 -21.72
N LYS A 94 -7.63 17.42 -22.33
CA LYS A 94 -8.87 18.19 -22.45
C LYS A 94 -9.65 18.24 -21.15
N GLY A 95 -9.36 17.27 -20.28
CA GLY A 95 -10.01 17.18 -18.96
C GLY A 95 -10.89 15.95 -18.84
N VAL A 96 -11.50 15.81 -17.67
CA VAL A 96 -12.43 14.72 -17.40
C VAL A 96 -13.70 15.25 -16.74
N ARG A 97 -14.73 14.40 -16.68
CA ARG A 97 -16.00 14.71 -16.02
C ARG A 97 -16.63 16.04 -16.51
N ASP A 98 -16.95 16.94 -15.57
CA ASP A 98 -17.68 18.18 -15.90
C ASP A 98 -16.79 19.22 -16.55
N ASN A 99 -15.48 19.09 -16.35
CA ASN A 99 -14.53 20.14 -16.68
C ASN A 99 -13.69 19.82 -17.88
N VAL A 100 -14.32 19.90 -19.05
CA VAL A 100 -13.69 19.50 -20.30
C VAL A 100 -13.64 20.61 -21.35
N ASP A 101 -14.79 20.98 -21.94
CA ASP A 101 -14.74 21.90 -23.10
C ASP A 101 -14.32 23.33 -22.77
N TYR A 102 -14.41 23.71 -21.48
CA TYR A 102 -14.05 25.06 -21.02
C TYR A 102 -12.81 25.17 -20.10
N TYR A 103 -12.03 24.09 -20.04
CA TYR A 103 -10.79 24.02 -19.27
C TYR A 103 -9.78 23.27 -20.07
N VAL A 104 -8.57 23.81 -20.18
CA VAL A 104 -7.48 23.03 -20.78
C VAL A 104 -6.47 22.69 -19.68
N TYR A 105 -6.06 21.42 -19.60
CA TYR A 105 -5.09 20.99 -18.58
C TYR A 105 -3.71 20.81 -19.13
N ASN A 106 -2.84 21.71 -18.73
CA ASN A 106 -1.48 21.65 -19.14
C ASN A 106 -0.77 20.94 -17.97
N CYS A 107 -0.45 19.65 -18.13
CA CYS A 107 0.05 18.84 -17.00
C CYS A 107 1.50 19.08 -16.71
N LEU A 108 1.81 19.49 -15.47
CA LEU A 108 3.18 19.82 -15.13
C LEU A 108 3.88 18.55 -14.57
N VAL A 109 5.12 18.73 -14.12
CA VAL A 109 5.95 17.57 -13.76
C VAL A 109 5.29 16.69 -12.70
N ARG A 110 5.46 15.38 -12.85
CA ARG A 110 5.02 14.43 -11.80
C ARG A 110 6.13 13.43 -11.49
N THR A 111 5.98 12.71 -10.38
CA THR A 111 6.98 11.69 -10.01
C THR A 111 6.35 10.56 -9.21
N LYS A 112 6.82 9.34 -9.49
CA LYS A 112 6.41 8.16 -8.72
C LYS A 112 6.87 8.23 -7.27
N ARG A 113 7.87 9.05 -6.99
CA ARG A 113 8.33 9.28 -5.60
C ARG A 113 7.33 10.10 -4.74
N ALA A 114 6.36 10.76 -5.40
CA ALA A 114 5.29 11.50 -4.71
C ALA A 114 4.03 11.42 -5.56
N PRO A 115 3.39 10.25 -5.62
CA PRO A 115 2.32 10.04 -6.57
C PRO A 115 1.12 10.97 -6.44
N SER A 116 0.85 11.49 -5.24
CA SER A 116 -0.27 12.41 -5.04
C SER A 116 -0.04 13.82 -5.62
N LEU A 117 1.20 14.12 -6.00
CA LEU A 117 1.52 15.43 -6.57
C LEU A 117 1.03 15.49 -8.03
N VAL A 118 0.02 16.30 -8.28
CA VAL A 118 -0.47 16.50 -9.65
C VAL A 118 -0.60 18.00 -9.89
N PRO A 119 0.44 18.63 -10.42
CA PRO A 119 0.39 20.08 -10.69
C PRO A 119 -0.05 20.36 -12.10
N LEU A 120 -0.83 21.42 -12.26
CA LEU A 120 -1.42 21.69 -13.57
C LEU A 120 -1.40 23.19 -13.81
N VAL A 121 -1.21 23.58 -15.07
CA VAL A 121 -1.67 24.93 -15.49
C VAL A 121 -3.05 24.76 -16.11
N VAL A 122 -4.06 25.37 -15.49
CA VAL A 122 -5.44 25.20 -15.92
C VAL A 122 -5.81 26.48 -16.69
N ASP A 123 -6.06 26.34 -18.00
CA ASP A 123 -6.57 27.48 -18.75
C ASP A 123 -8.06 27.46 -18.57
N VAL A 124 -8.62 28.56 -18.08
CA VAL A 124 -10.01 28.59 -17.70
C VAL A 124 -10.71 29.43 -18.77
N LEU A 125 -11.50 28.77 -19.61
CA LEU A 125 -12.03 29.42 -20.83
C LEU A 125 -13.46 29.94 -20.65
N THR A 126 -14.12 29.52 -19.57
CA THR A 126 -15.45 30.00 -19.22
C THR A 126 -15.36 31.25 -18.34
N ASP A 127 -16.17 32.25 -18.65
CA ASP A 127 -16.28 33.42 -17.80
C ASP A 127 -17.72 33.64 -17.33
N ASN A 128 -18.44 32.53 -17.15
CA ASN A 128 -19.78 32.61 -16.59
C ASN A 128 -19.88 31.87 -15.26
N PRO A 129 -19.65 32.62 -14.17
CA PRO A 129 -19.71 32.07 -12.83
C PRO A 129 -21.02 31.33 -12.60
N ASP A 130 -22.10 31.87 -13.17
CA ASP A 130 -23.41 31.27 -13.03
C ASP A 130 -23.46 29.82 -13.49
N ASP A 131 -22.63 29.47 -14.47
CA ASP A 131 -22.58 28.11 -15.02
C ASP A 131 -21.54 27.21 -14.35
N ALA A 132 -20.73 27.78 -13.44
CA ALA A 132 -19.71 27.00 -12.74
C ALA A 132 -20.26 25.68 -12.20
N LYS A 133 -19.55 24.59 -12.45
CA LYS A 133 -19.99 23.29 -11.97
C LYS A 133 -19.14 22.79 -10.81
N PHE A 134 -19.79 22.46 -9.69
CA PHE A 134 -19.04 22.00 -8.52
C PHE A 134 -18.55 20.60 -8.74
N ASN A 135 -17.33 20.34 -8.28
CA ASN A 135 -16.90 18.97 -8.05
C ASN A 135 -17.39 18.48 -6.69
N SER A 136 -16.91 17.31 -6.28
CA SER A 136 -17.34 16.77 -4.99
C SER A 136 -16.16 16.76 -4.03
N GLY A 137 -15.14 17.54 -4.37
CA GLY A 137 -13.94 17.63 -3.57
C GLY A 137 -12.86 16.70 -4.10
N HIS A 138 -11.61 17.04 -3.82
CA HIS A 138 -10.48 16.22 -4.21
C HIS A 138 -10.11 15.24 -3.08
N ALA A 139 -9.47 14.14 -3.44
CA ALA A 139 -8.95 13.20 -2.44
C ALA A 139 -7.86 13.80 -1.51
N GLY A 140 -7.08 14.76 -2.01
CA GLY A 140 -5.99 15.36 -1.24
C GLY A 140 -6.12 16.88 -1.22
N ASN A 141 -5.18 17.57 -0.58
CA ASN A 141 -5.19 19.03 -0.49
C ASN A 141 -4.76 19.66 -1.79
N GLU A 142 -5.07 20.95 -1.97
CA GLU A 142 -4.73 21.65 -3.22
C GLU A 142 -4.28 23.07 -2.91
N PHE A 143 -3.19 23.48 -3.55
CA PHE A 143 -2.73 24.83 -3.47
C PHE A 143 -2.93 25.42 -4.86
N LEU A 144 -3.43 26.66 -4.92
CA LEU A 144 -3.61 27.34 -6.20
C LEU A 144 -3.03 28.75 -6.24
N PHE A 145 -2.69 29.21 -7.45
CA PHE A 145 -2.07 30.52 -7.63
C PHE A 145 -2.64 31.07 -8.95
N VAL A 146 -3.15 32.30 -8.92
CA VAL A 146 -3.78 32.88 -10.13
C VAL A 146 -2.67 33.45 -11.01
N LEU A 147 -2.43 32.77 -12.14
CA LEU A 147 -1.32 33.10 -13.02
C LEU A 147 -1.68 34.24 -13.95
N GLU A 148 -2.92 34.24 -14.44
CA GLU A 148 -3.37 35.22 -15.40
C GLU A 148 -4.84 35.54 -15.24
N GLY A 149 -5.21 36.80 -15.44
CA GLY A 149 -6.61 37.13 -15.36
C GLY A 149 -7.12 37.19 -13.94
N GLU A 150 -8.42 36.99 -13.82
CA GLU A 150 -9.15 37.13 -12.57
C GLU A 150 -10.09 35.95 -12.42
N ILE A 151 -9.99 35.26 -11.27
CA ILE A 151 -10.75 34.03 -11.07
C ILE A 151 -11.92 34.29 -10.15
N HIS A 152 -13.05 33.67 -10.49
CA HIS A 152 -14.20 33.65 -9.60
C HIS A 152 -14.31 32.24 -9.03
N MET A 153 -13.97 32.14 -7.73
CA MET A 153 -13.97 30.86 -7.04
C MET A 153 -15.23 30.68 -6.23
N LYS A 154 -15.75 29.47 -6.23
CA LYS A 154 -16.86 29.09 -5.36
C LYS A 154 -16.53 27.81 -4.60
N TRP A 155 -16.97 27.68 -3.36
CA TRP A 155 -16.72 26.44 -2.63
C TRP A 155 -17.74 26.18 -1.57
N GLY A 156 -17.69 24.97 -1.02
CA GLY A 156 -18.58 24.59 0.08
C GLY A 156 -19.88 24.03 -0.47
N ASP A 157 -20.99 24.61 -0.03
CA ASP A 157 -22.31 24.14 -0.40
C ASP A 157 -22.74 24.71 -1.76
N LYS A 158 -22.85 23.84 -2.76
CA LYS A 158 -23.18 24.30 -4.12
C LYS A 158 -24.47 25.14 -4.17
N GLU A 159 -25.37 24.89 -3.22
CA GLU A 159 -26.64 25.62 -3.15
C GLU A 159 -26.54 26.97 -2.42
N ASN A 160 -25.54 27.11 -1.56
CA ASN A 160 -25.28 28.38 -0.86
C ASN A 160 -23.76 28.61 -0.69
N PRO A 161 -23.05 28.85 -1.79
CA PRO A 161 -21.60 28.77 -1.75
C PRO A 161 -20.89 29.94 -1.08
N LYS A 162 -19.69 29.67 -0.59
CA LYS A 162 -18.75 30.74 -0.32
C LYS A 162 -18.15 31.13 -1.67
N GLU A 163 -17.71 32.38 -1.79
CA GLU A 163 -17.16 32.85 -3.07
C GLU A 163 -16.00 33.80 -2.84
N ALA A 164 -15.14 33.89 -3.84
CA ALA A 164 -14.06 34.88 -3.81
C ALA A 164 -13.70 35.27 -5.22
N LEU A 165 -13.49 36.57 -5.40
CA LEU A 165 -12.86 37.10 -6.64
C LEU A 165 -11.37 37.24 -6.42
N LEU A 166 -10.58 36.56 -7.25
CA LEU A 166 -9.16 36.42 -7.01
C LEU A 166 -8.38 37.00 -8.18
N PRO A 167 -7.74 38.14 -7.97
CA PRO A 167 -6.94 38.77 -9.03
C PRO A 167 -5.67 38.00 -9.25
N THR A 168 -5.00 38.30 -10.36
CA THR A 168 -3.69 37.72 -10.64
C THR A 168 -2.77 37.81 -9.42
N GLY A 169 -2.15 36.69 -9.07
CA GLY A 169 -1.20 36.72 -7.97
C GLY A 169 -1.82 36.23 -6.67
N ALA A 170 -3.15 36.12 -6.61
CA ALA A 170 -3.80 35.60 -5.39
C ALA A 170 -3.44 34.13 -5.25
N SER A 171 -3.44 33.65 -4.01
CA SER A 171 -3.19 32.22 -3.74
C SER A 171 -4.28 31.66 -2.82
N MET A 172 -4.48 30.35 -2.85
CA MET A 172 -5.58 29.70 -2.17
C MET A 172 -5.15 28.30 -1.76
N PHE A 173 -5.71 27.84 -0.65
CA PHE A 173 -5.54 26.47 -0.22
C PHE A 173 -6.95 25.91 -0.10
N VAL A 174 -7.17 24.71 -0.63
CA VAL A 174 -8.48 24.02 -0.54
C VAL A 174 -8.23 22.67 0.11
N GLU A 175 -8.82 22.45 1.28
CA GLU A 175 -8.61 21.16 1.96
C GLU A 175 -9.26 20.00 1.21
N GLU A 176 -8.70 18.81 1.36
CA GLU A 176 -9.31 17.58 0.84
C GLU A 176 -10.81 17.53 1.10
N HIS A 177 -11.54 17.06 0.09
CA HIS A 177 -13.00 16.80 0.17
C HIS A 177 -13.90 18.03 0.09
N VAL A 178 -13.31 19.21 -0.03
CA VAL A 178 -14.14 20.42 -0.12
C VAL A 178 -14.58 20.63 -1.55
N PRO A 179 -15.89 20.63 -1.82
CA PRO A 179 -16.36 20.85 -3.18
C PRO A 179 -16.05 22.26 -3.60
N HIS A 180 -15.68 22.43 -4.87
CA HIS A 180 -15.42 23.79 -5.36
C HIS A 180 -15.50 23.87 -6.88
N ALA A 181 -15.46 25.10 -7.37
CA ALA A 181 -15.52 25.39 -8.82
C ALA A 181 -14.90 26.73 -9.10
N PHE A 182 -14.35 26.90 -10.31
CA PHE A 182 -13.82 28.20 -10.71
C PHE A 182 -14.22 28.52 -12.13
N THR A 183 -14.51 29.78 -12.37
CA THR A 183 -14.53 30.30 -13.75
C THR A 183 -13.67 31.56 -13.76
N ALA A 184 -13.47 32.16 -14.93
CA ALA A 184 -12.95 33.52 -14.96
C ALA A 184 -14.05 34.45 -14.42
N ALA A 185 -13.65 35.62 -13.94
CA ALA A 185 -14.61 36.60 -13.42
C ALA A 185 -15.52 37.00 -14.60
N LYS A 186 -16.78 37.26 -14.31
CA LYS A 186 -17.82 37.53 -15.31
C LYS A 186 -17.38 38.50 -16.40
N GLY A 187 -17.49 38.06 -17.67
CA GLY A 187 -17.10 38.87 -18.83
C GLY A 187 -15.63 39.11 -19.14
N THR A 188 -14.71 38.53 -18.37
CA THR A 188 -13.27 38.80 -18.56
C THR A 188 -12.59 37.84 -19.52
N GLY A 189 -13.39 36.93 -20.06
CA GLY A 189 -12.96 36.08 -21.17
C GLY A 189 -12.34 34.77 -20.74
N SER A 190 -11.16 34.89 -20.16
CA SER A 190 -10.40 33.70 -19.74
C SER A 190 -9.45 34.06 -18.61
N ALA A 191 -8.93 33.03 -17.95
CA ALA A 191 -7.94 33.24 -16.91
C ALA A 191 -7.11 31.96 -16.86
N LYS A 192 -6.02 31.98 -16.08
CA LYS A 192 -5.17 30.81 -15.95
C LYS A 192 -4.85 30.66 -14.46
N LEU A 193 -4.87 29.43 -13.99
CA LEU A 193 -4.42 29.15 -12.63
C LEU A 193 -3.36 28.06 -12.67
N ILE A 194 -2.46 28.05 -11.70
CA ILE A 194 -1.65 26.85 -11.42
C ILE A 194 -2.35 26.15 -10.25
N ALA A 195 -2.68 24.86 -10.43
CA ALA A 195 -3.37 24.08 -9.40
C ALA A 195 -2.42 22.96 -9.01
N VAL A 196 -2.04 22.91 -7.75
CA VAL A 196 -1.09 21.89 -7.29
C VAL A 196 -1.78 20.97 -6.30
N ASN A 197 -2.24 19.80 -6.76
CA ASN A 197 -2.74 18.79 -5.87
C ASN A 197 -1.56 18.09 -5.25
N PHE A 198 -1.65 17.79 -3.95
CA PHE A 198 -0.51 17.17 -3.26
C PHE A 198 -0.98 16.30 -2.10
N LYS B 5 -15.97 -4.99 -2.41
CA LYS B 5 -16.14 -6.46 -2.45
C LYS B 5 -14.92 -7.21 -3.01
N THR B 6 -14.76 -7.23 -4.33
CA THR B 6 -13.71 -8.01 -4.97
C THR B 6 -12.44 -7.20 -5.30
N ALA B 7 -11.37 -7.94 -5.61
CA ALA B 7 -10.13 -7.33 -6.12
C ALA B 7 -10.45 -6.52 -7.36
N SER B 8 -11.28 -7.09 -8.24
CA SER B 8 -11.66 -6.40 -9.48
C SER B 8 -12.55 -5.18 -9.31
N THR B 9 -13.50 -5.21 -8.36
CA THR B 9 -14.32 -4.01 -8.13
C THR B 9 -13.49 -2.92 -7.45
N GLY B 10 -12.61 -3.35 -6.54
CA GLY B 10 -11.68 -2.47 -5.86
C GLY B 10 -10.77 -1.80 -6.86
N PHE B 11 -10.19 -2.59 -7.74
CA PHE B 11 -9.33 -2.08 -8.78
C PHE B 11 -10.12 -1.13 -9.71
N ALA B 12 -11.33 -1.52 -10.09
CA ALA B 12 -12.12 -0.68 -11.02
C ALA B 12 -12.32 0.72 -10.45
N GLU B 13 -12.67 0.77 -9.16
CA GLU B 13 -12.90 2.07 -8.51
C GLU B 13 -11.63 2.88 -8.42
N LEU B 14 -10.57 2.23 -7.98
CA LEU B 14 -9.30 2.90 -7.73
C LEU B 14 -8.62 3.32 -9.04
N LEU B 15 -8.77 2.51 -10.08
CA LEU B 15 -8.24 2.86 -11.40
C LEU B 15 -8.94 4.11 -11.94
N LYS B 16 -10.27 4.12 -11.88
CA LYS B 16 -11.01 5.31 -12.31
C LYS B 16 -10.58 6.57 -11.54
N ASP B 17 -10.45 6.43 -10.21
CA ASP B 17 -10.03 7.55 -9.37
C ASP B 17 -8.67 8.10 -9.87
N ARG B 18 -7.68 7.20 -10.03
CA ARG B 18 -6.34 7.63 -10.44
C ARG B 18 -6.28 8.21 -11.84
N ARG B 19 -6.97 7.55 -12.78
CA ARG B 19 -7.03 8.07 -14.13
C ARG B 19 -7.58 9.51 -14.16
N GLU B 20 -8.66 9.75 -13.41
CA GLU B 20 -9.28 11.07 -13.32
C GLU B 20 -8.33 12.08 -12.64
N GLN B 21 -7.60 11.59 -11.65
CA GLN B 21 -6.65 12.45 -10.89
C GLN B 21 -5.61 13.05 -11.81
N VAL B 22 -5.13 12.26 -12.78
CA VAL B 22 -4.10 12.72 -13.74
C VAL B 22 -4.69 13.23 -15.06
N LYS B 23 -6.00 13.44 -15.03
CA LYS B 23 -6.74 14.13 -16.08
C LYS B 23 -6.77 13.39 -17.43
N MET B 24 -6.55 12.08 -17.40
CA MET B 24 -6.62 11.27 -18.63
C MET B 24 -8.03 10.74 -18.91
N ASP B 25 -8.44 10.74 -20.18
CA ASP B 25 -9.65 10.03 -20.51
C ASP B 25 -9.26 8.57 -20.87
N HIS B 26 -10.25 7.74 -21.22
CA HIS B 26 -9.94 6.34 -21.54
C HIS B 26 -8.94 6.19 -22.67
N ALA B 27 -9.12 6.97 -23.73
CA ALA B 27 -8.22 6.91 -24.87
C ALA B 27 -6.78 7.24 -24.52
N ALA B 28 -6.58 8.31 -23.74
CA ALA B 28 -5.26 8.70 -23.28
C ALA B 28 -4.56 7.57 -22.53
N LEU B 29 -5.26 6.98 -21.56
CA LEU B 29 -4.67 5.86 -20.84
C LEU B 29 -4.44 4.62 -21.73
N ALA B 30 -5.42 4.31 -22.57
CA ALA B 30 -5.30 3.13 -23.42
C ALA B 30 -4.07 3.22 -24.33
N SER B 31 -3.78 4.44 -24.80
CA SER B 31 -2.69 4.65 -25.76
C SER B 31 -1.32 4.36 -25.13
N LEU B 32 -1.28 4.35 -23.78
CA LEU B 32 -0.05 4.04 -23.04
C LEU B 32 0.12 2.55 -22.69
N LEU B 33 -0.89 1.74 -22.98
CA LEU B 33 -0.97 0.36 -22.47
C LEU B 33 -1.16 -0.76 -23.49
N GLY B 34 -1.18 -0.41 -24.78
CA GLY B 34 -1.46 -1.41 -25.82
C GLY B 34 -2.85 -2.01 -25.72
N GLU B 35 -3.81 -1.16 -25.31
CA GLU B 35 -5.21 -1.54 -25.27
C GLU B 35 -6.07 -0.50 -26.01
N THR B 36 -7.33 -0.87 -26.26
CA THR B 36 -8.37 0.06 -26.75
C THR B 36 -8.96 0.86 -25.58
N PRO B 37 -9.55 2.03 -25.84
CA PRO B 37 -10.33 2.75 -24.83
C PRO B 37 -11.43 1.87 -24.26
N GLU B 38 -12.04 1.03 -25.10
CA GLU B 38 -13.11 0.13 -24.68
C GLU B 38 -12.66 -0.81 -23.55
N THR B 39 -11.42 -1.30 -23.67
CA THR B 39 -10.87 -2.23 -22.71
C THR B 39 -10.61 -1.52 -21.40
N VAL B 40 -10.09 -0.29 -21.48
CA VAL B 40 -9.89 0.48 -20.25
C VAL B 40 -11.23 0.72 -19.55
N ALA B 41 -12.25 1.06 -20.34
CA ALA B 41 -13.59 1.26 -19.81
C ALA B 41 -14.11 -0.02 -19.15
N ALA B 42 -13.82 -1.15 -19.77
CA ALA B 42 -14.18 -2.45 -19.20
C ALA B 42 -13.52 -2.69 -17.85
N TRP B 43 -12.23 -2.36 -17.71
CA TRP B 43 -11.58 -2.48 -16.41
C TRP B 43 -12.31 -1.67 -15.33
N GLU B 44 -12.76 -0.47 -15.69
CA GLU B 44 -13.44 0.40 -14.74
C GLU B 44 -14.89 -0.06 -14.47
N ASN B 45 -15.34 -1.01 -15.29
CA ASN B 45 -16.62 -1.67 -15.11
C ASN B 45 -16.48 -3.00 -14.39
N GLY B 46 -15.29 -3.28 -13.86
CA GLY B 46 -15.09 -4.48 -13.05
C GLY B 46 -14.54 -5.67 -13.80
N GLU B 47 -14.07 -5.47 -15.02
CA GLU B 47 -13.58 -6.57 -15.86
C GLU B 47 -12.06 -6.74 -15.90
N GLY B 48 -11.38 -6.36 -14.80
CA GLY B 48 -9.94 -6.45 -14.76
C GLY B 48 -9.39 -7.64 -13.99
N GLY B 49 -10.27 -8.58 -13.61
CA GLY B 49 -9.85 -9.71 -12.76
C GLY B 49 -8.77 -10.60 -13.32
N GLU B 50 -8.65 -10.66 -14.66
CA GLU B 50 -7.63 -11.50 -15.30
C GLU B 50 -6.36 -10.76 -15.70
N LEU B 51 -6.26 -9.48 -15.32
CA LEU B 51 -5.01 -8.73 -15.52
C LEU B 51 -3.91 -9.38 -14.74
N THR B 52 -2.75 -9.52 -15.35
CA THR B 52 -1.64 -10.16 -14.66
C THR B 52 -0.87 -9.20 -13.78
N LEU B 53 -0.03 -9.76 -12.93
CA LEU B 53 0.86 -8.96 -12.07
C LEU B 53 1.71 -8.03 -12.93
N THR B 54 2.24 -8.56 -14.02
CA THR B 54 3.08 -7.77 -14.91
C THR B 54 2.28 -6.61 -15.51
N GLN B 55 1.08 -6.93 -15.97
CA GLN B 55 0.19 -5.92 -16.54
C GLN B 55 -0.17 -4.85 -15.52
N LEU B 56 -0.45 -5.27 -14.28
CA LEU B 56 -0.80 -4.31 -13.23
C LEU B 56 0.39 -3.40 -12.96
N GLY B 57 1.61 -3.96 -12.99
CA GLY B 57 2.82 -3.14 -12.82
C GLY B 57 2.91 -2.05 -13.89
N ARG B 58 2.54 -2.38 -15.13
CA ARG B 58 2.66 -1.39 -16.20
C ARG B 58 1.59 -0.32 -16.06
N ILE B 59 0.39 -0.74 -15.69
CA ILE B 59 -0.70 0.20 -15.43
C ILE B 59 -0.30 1.20 -14.33
N ALA B 60 0.24 0.68 -13.24
CA ALA B 60 0.67 1.56 -12.14
C ALA B 60 1.79 2.48 -12.63
N HIS B 61 2.72 1.94 -13.39
CA HIS B 61 3.83 2.76 -13.92
C HIS B 61 3.30 3.93 -14.75
N VAL B 62 2.42 3.65 -15.71
CA VAL B 62 1.97 4.75 -16.60
C VAL B 62 1.14 5.78 -15.85
N LEU B 63 0.53 5.33 -14.74
CA LEU B 63 -0.24 6.24 -13.88
C LEU B 63 0.62 6.87 -12.77
N GLY B 64 1.92 6.66 -12.85
CA GLY B 64 2.90 7.26 -11.91
C GLY B 64 2.70 6.87 -10.45
N THR B 65 2.33 5.60 -10.21
CA THR B 65 1.99 5.20 -8.86
C THR B 65 2.31 3.71 -8.67
N SER B 66 1.76 3.12 -7.63
CA SER B 66 2.06 1.72 -7.27
C SER B 66 0.85 0.84 -7.51
N ILE B 67 1.11 -0.46 -7.65
CA ILE B 67 0.00 -1.43 -7.65
C ILE B 67 -0.86 -1.27 -6.40
N GLY B 68 -0.23 -1.02 -5.25
CA GLY B 68 -0.98 -0.83 -4.00
C GLY B 68 -1.97 0.30 -4.04
N ALA B 69 -1.63 1.38 -4.73
CA ALA B 69 -2.54 2.52 -4.83
C ALA B 69 -3.78 2.20 -5.67
N LEU B 70 -3.66 1.18 -6.51
CA LEU B 70 -4.73 0.77 -7.40
C LEU B 70 -5.53 -0.47 -6.95
N THR B 71 -5.20 -1.02 -5.77
CA THR B 71 -5.85 -2.24 -5.25
C THR B 71 -6.41 -1.93 -3.86
N PRO B 72 -7.49 -2.62 -3.45
CA PRO B 72 -8.16 -2.29 -2.19
C PRO B 72 -7.37 -2.73 -0.96
N PRO B 73 -7.70 -2.18 0.20
CA PRO B 73 -7.05 -2.61 1.43
C PRO B 73 -7.40 -4.06 1.70
N ALA B 74 -6.75 -4.65 2.71
CA ALA B 74 -6.86 -6.07 2.99
C ALA B 74 -8.30 -6.56 3.18
N GLY B 75 -9.16 -5.71 3.73
CA GLY B 75 -10.54 -6.11 3.95
C GLY B 75 -10.94 -6.07 5.41
N ASN B 76 -12.20 -6.41 5.69
CA ASN B 76 -12.69 -6.37 7.07
C ASN B 76 -13.23 -7.74 7.52
N ASP B 77 -12.49 -8.40 8.43
CA ASP B 77 -12.85 -9.73 8.92
C ASP B 77 -13.36 -9.70 10.35
N LEU B 78 -13.70 -8.51 10.81
CA LEU B 78 -14.16 -8.29 12.18
C LEU B 78 -15.66 -8.42 12.37
N ASP B 79 -16.05 -8.70 13.61
CA ASP B 79 -17.45 -8.79 14.01
C ASP B 79 -17.72 -7.58 14.88
N ASP B 80 -18.31 -6.53 14.28
CA ASP B 80 -18.42 -5.21 14.92
C ASP B 80 -17.17 -4.80 15.69
N GLY B 81 -16.00 -4.90 15.06
CA GLY B 81 -14.78 -4.37 15.66
C GLY B 81 -13.87 -5.38 16.34
N VAL B 82 -14.34 -6.63 16.40
CA VAL B 82 -13.65 -7.65 17.18
C VAL B 82 -13.47 -8.95 16.41
N ILE B 83 -12.39 -9.65 16.69
CA ILE B 83 -12.30 -11.04 16.22
C ILE B 83 -11.70 -11.90 17.34
N ILE B 84 -12.22 -13.11 17.46
CA ILE B 84 -11.86 -14.04 18.55
C ILE B 84 -11.29 -15.33 17.94
N GLN B 85 -10.25 -15.87 18.56
CA GLN B 85 -9.69 -17.18 18.18
C GLN B 85 -9.70 -18.12 19.38
N MET B 86 -10.32 -19.29 19.20
CA MET B 86 -10.24 -20.37 20.21
C MET B 86 -8.91 -21.13 20.10
N PRO B 87 -8.42 -21.70 21.21
CA PRO B 87 -7.10 -22.35 21.22
C PRO B 87 -6.92 -23.47 20.18
N ASP B 88 -7.96 -24.25 19.91
CA ASP B 88 -7.79 -25.35 18.95
C ASP B 88 -7.62 -24.90 17.50
N GLU B 89 -7.92 -23.61 17.24
CA GLU B 89 -7.81 -23.03 15.90
C GLU B 89 -6.37 -22.69 15.48
N ARG B 90 -5.45 -22.68 16.44
CA ARG B 90 -4.14 -22.09 16.16
C ARG B 90 -3.41 -22.86 15.07
N PRO B 91 -3.00 -22.18 13.98
CA PRO B 91 -1.97 -22.72 13.08
C PRO B 91 -0.67 -22.99 13.87
N ILE B 92 0.07 -24.01 13.45
CA ILE B 92 1.32 -24.40 14.15
C ILE B 92 2.44 -24.71 13.15
N LEU B 93 3.57 -24.04 13.33
CA LEU B 93 4.80 -24.34 12.59
C LEU B 93 5.84 -24.80 13.61
N LYS B 94 6.59 -25.83 13.25
CA LYS B 94 7.70 -26.31 14.07
C LYS B 94 9.00 -25.79 13.50
N GLY B 95 9.83 -25.23 14.38
CA GLY B 95 11.20 -24.83 14.05
C GLY B 95 12.12 -26.02 14.23
N VAL B 96 12.54 -26.61 13.11
CA VAL B 96 13.19 -27.92 13.09
C VAL B 96 14.56 -27.77 12.46
N ARG B 97 15.54 -28.43 13.05
CA ARG B 97 16.87 -28.55 12.45
C ARG B 97 17.24 -30.02 12.49
N ASP B 98 17.43 -30.60 11.30
CA ASP B 98 17.87 -32.00 11.18
C ASP B 98 16.97 -32.96 11.98
N ASN B 99 15.66 -32.83 11.78
CA ASN B 99 14.66 -33.67 12.43
C ASN B 99 14.67 -33.53 13.96
N VAL B 100 15.19 -32.42 14.48
CA VAL B 100 15.13 -32.13 15.93
C VAL B 100 14.39 -30.79 16.09
N ASP B 101 13.34 -30.76 16.91
CA ASP B 101 12.57 -29.52 17.11
C ASP B 101 13.23 -28.62 18.12
N TYR B 102 13.30 -27.33 17.76
CA TYR B 102 13.86 -26.28 18.63
C TYR B 102 12.81 -25.30 19.14
N TYR B 103 11.81 -24.98 18.31
CA TYR B 103 10.70 -24.07 18.64
C TYR B 103 9.37 -24.60 18.10
N VAL B 104 8.30 -24.34 18.85
CA VAL B 104 6.98 -24.58 18.27
C VAL B 104 6.24 -23.24 18.28
N TYR B 105 5.83 -22.80 17.10
CA TYR B 105 5.11 -21.52 16.96
C TYR B 105 3.61 -21.79 16.90
N ASN B 106 2.89 -21.40 17.95
CA ASN B 106 1.46 -21.59 18.08
C ASN B 106 0.77 -20.26 17.75
N CYS B 107 0.07 -20.19 16.62
CA CYS B 107 -0.37 -18.90 16.07
C CYS B 107 -1.70 -18.41 16.69
N LEU B 108 -1.69 -17.22 17.32
CA LEU B 108 -2.90 -16.68 17.88
C LEU B 108 -3.62 -15.79 16.85
N VAL B 109 -4.66 -15.10 17.32
CA VAL B 109 -5.56 -14.37 16.42
C VAL B 109 -4.84 -13.38 15.52
N ARG B 110 -5.29 -13.29 14.27
CA ARG B 110 -4.79 -12.27 13.36
C ARG B 110 -5.98 -11.59 12.68
N THR B 111 -5.73 -10.43 12.07
CA THR B 111 -6.82 -9.71 11.39
C THR B 111 -6.31 -8.90 10.20
N LYS B 112 -7.09 -8.91 9.13
CA LYS B 112 -6.81 -8.07 7.96
C LYS B 112 -6.88 -6.59 8.27
N ARG B 113 -7.56 -6.22 9.35
CA ARG B 113 -7.65 -4.80 9.77
C ARG B 113 -6.37 -4.29 10.45
N ALA B 114 -5.48 -5.21 10.82
CA ALA B 114 -4.14 -4.86 11.34
C ALA B 114 -3.16 -5.95 10.95
N PRO B 115 -2.77 -5.96 9.67
CA PRO B 115 -1.99 -7.07 9.15
C PRO B 115 -0.65 -7.31 9.83
N SER B 116 -0.03 -6.28 10.43
CA SER B 116 1.28 -6.44 11.07
C SER B 116 1.18 -7.19 12.42
N LEU B 117 -0.03 -7.31 12.96
CA LEU B 117 -0.24 -8.02 14.23
C LEU B 117 -0.05 -9.53 14.01
N VAL B 118 1.01 -10.08 14.60
CA VAL B 118 1.27 -11.53 14.53
C VAL B 118 1.66 -11.98 15.94
N PRO B 119 0.66 -12.42 16.73
CA PRO B 119 0.92 -12.94 18.07
C PRO B 119 1.10 -14.44 18.06
N LEU B 120 2.08 -14.90 18.87
CA LEU B 120 2.42 -16.34 18.90
C LEU B 120 2.60 -16.74 20.36
N VAL B 121 2.18 -17.96 20.68
CA VAL B 121 2.73 -18.62 21.87
C VAL B 121 3.88 -19.48 21.34
N VAL B 122 5.09 -19.23 21.83
CA VAL B 122 6.29 -19.94 21.36
C VAL B 122 6.77 -20.92 22.41
N ASP B 123 6.78 -22.21 22.07
CA ASP B 123 7.37 -23.20 22.95
C ASP B 123 8.81 -23.33 22.59
N VAL B 124 9.67 -23.11 23.59
CA VAL B 124 11.09 -23.11 23.40
C VAL B 124 11.67 -24.42 23.89
N LEU B 125 12.14 -25.23 22.96
CA LEU B 125 12.49 -26.60 23.28
C LEU B 125 13.97 -26.82 23.50
N THR B 126 14.78 -25.88 23.04
CA THR B 126 16.21 -25.96 23.26
C THR B 126 16.58 -25.19 24.51
N ASP B 127 17.45 -25.78 25.33
CA ASP B 127 18.00 -25.06 26.48
C ASP B 127 19.52 -24.98 26.36
N ASN B 128 19.99 -24.88 25.13
CA ASN B 128 21.40 -24.66 24.88
C ASN B 128 21.56 -23.32 24.17
N PRO B 129 21.96 -22.27 24.90
CA PRO B 129 22.06 -20.94 24.29
C PRO B 129 22.97 -20.85 23.06
N ASP B 130 23.87 -21.82 22.90
CA ASP B 130 24.68 -21.98 21.67
C ASP B 130 23.83 -22.16 20.44
N ASP B 131 22.63 -22.72 20.64
CA ASP B 131 21.66 -22.98 19.56
C ASP B 131 20.95 -21.72 19.10
N ALA B 132 21.09 -20.62 19.83
CA ALA B 132 20.42 -19.40 19.42
C ALA B 132 20.91 -19.01 18.03
N LYS B 133 19.99 -18.88 17.10
CA LYS B 133 20.32 -18.51 15.72
C LYS B 133 19.69 -17.16 15.45
N PHE B 134 20.52 -16.13 15.27
CA PHE B 134 20.03 -14.76 15.10
C PHE B 134 19.20 -14.60 13.85
N ASN B 135 18.05 -13.96 14.00
CA ASN B 135 17.28 -13.48 12.83
C ASN B 135 17.92 -12.18 12.33
N SER B 136 17.29 -11.52 11.37
CA SER B 136 17.88 -10.31 10.83
C SER B 136 17.10 -9.08 11.30
N GLY B 137 16.24 -9.29 12.30
CA GLY B 137 15.38 -8.21 12.81
C GLY B 137 14.01 -8.25 12.18
N HIS B 138 12.98 -7.84 12.93
CA HIS B 138 11.61 -7.85 12.43
C HIS B 138 11.26 -6.55 11.72
N ALA B 139 10.26 -6.60 10.85
CA ALA B 139 9.79 -5.39 10.16
C ALA B 139 9.09 -4.41 11.10
N GLY B 140 8.51 -4.96 12.18
CA GLY B 140 7.73 -4.18 13.12
C GLY B 140 8.27 -4.41 14.53
N ASN B 141 7.68 -3.71 15.50
CA ASN B 141 8.10 -3.85 16.91
C ASN B 141 7.55 -5.13 17.48
N GLU B 142 8.10 -5.57 18.61
CA GLU B 142 7.62 -6.83 19.22
C GLU B 142 7.60 -6.70 20.75
N PHE B 143 6.53 -7.24 21.35
CA PHE B 143 6.36 -7.27 22.81
C PHE B 143 6.46 -8.78 23.20
N LEU B 144 7.28 -9.11 24.21
CA LEU B 144 7.41 -10.52 24.66
C LEU B 144 7.09 -10.64 26.15
N PHE B 145 6.56 -11.80 26.56
CA PHE B 145 6.15 -11.98 27.96
C PHE B 145 6.44 -13.46 28.24
N VAL B 146 7.19 -13.72 29.31
CA VAL B 146 7.61 -15.12 29.58
C VAL B 146 6.53 -15.79 30.40
N LEU B 147 5.96 -16.85 29.81
CA LEU B 147 4.85 -17.57 30.39
C LEU B 147 5.28 -18.68 31.33
N GLU B 148 6.34 -19.37 30.94
CA GLU B 148 6.88 -20.50 31.70
C GLU B 148 8.38 -20.60 31.56
N GLY B 149 9.05 -21.00 32.64
CA GLY B 149 10.47 -21.28 32.52
C GLY B 149 11.27 -19.99 32.50
N GLU B 150 12.49 -20.09 32.00
CA GLU B 150 13.41 -18.95 31.99
C GLU B 150 14.03 -18.85 30.61
N ILE B 151 14.08 -17.63 30.08
CA ILE B 151 14.56 -17.42 28.73
C ILE B 151 15.94 -16.79 28.75
N HIS B 152 16.80 -17.25 27.87
CA HIS B 152 18.10 -16.63 27.64
C HIS B 152 17.97 -15.88 26.32
N MET B 153 17.91 -14.56 26.43
CA MET B 153 17.71 -13.69 25.28
C MET B 153 19.02 -13.09 24.76
N LYS B 154 19.16 -13.02 23.43
CA LYS B 154 20.37 -12.40 22.84
C LYS B 154 19.87 -11.40 21.81
N TRP B 155 20.55 -10.26 21.69
CA TRP B 155 20.13 -9.27 20.70
C TRP B 155 21.27 -8.42 20.20
N GLY B 156 21.04 -7.77 19.07
CA GLY B 156 22.00 -6.82 18.52
C GLY B 156 22.85 -7.49 17.47
N ASP B 157 24.16 -7.38 17.66
CA ASP B 157 25.14 -7.94 16.73
C ASP B 157 25.39 -9.42 17.04
N LYS B 158 25.01 -10.30 16.12
CA LYS B 158 25.18 -11.75 16.33
C LYS B 158 26.62 -12.18 16.70
N GLU B 159 27.62 -11.40 16.31
CA GLU B 159 29.02 -11.70 16.67
C GLU B 159 29.46 -11.07 18.00
N ASN B 160 28.60 -10.24 18.59
CA ASN B 160 28.85 -9.52 19.85
C ASN B 160 27.56 -9.23 20.60
N PRO B 161 26.69 -10.23 20.83
CA PRO B 161 25.33 -9.92 21.28
C PRO B 161 25.25 -9.32 22.68
N LYS B 162 24.21 -8.56 22.92
CA LYS B 162 23.78 -8.23 24.26
C LYS B 162 22.94 -9.42 24.72
N GLU B 163 23.02 -9.73 26.02
CA GLU B 163 22.34 -10.93 26.53
C GLU B 163 21.65 -10.64 27.85
N ALA B 164 20.55 -11.32 28.11
CA ALA B 164 19.87 -11.19 29.38
C ALA B 164 19.02 -12.41 29.68
N LEU B 165 18.91 -12.75 30.97
CA LEU B 165 18.05 -13.84 31.42
C LEU B 165 16.73 -13.28 31.86
N LEU B 166 15.66 -13.86 31.34
CA LEU B 166 14.31 -13.41 31.64
C LEU B 166 13.56 -14.52 32.38
N PRO B 167 13.27 -14.28 33.64
CA PRO B 167 12.45 -15.19 34.45
C PRO B 167 10.97 -15.17 34.06
N THR B 168 10.23 -16.18 34.48
CA THR B 168 8.80 -16.17 34.28
C THR B 168 8.13 -14.85 34.73
N GLY B 169 7.34 -14.24 33.84
CA GLY B 169 6.62 -13.03 34.18
C GLY B 169 7.35 -11.77 33.72
N ALA B 170 8.61 -11.92 33.33
CA ALA B 170 9.34 -10.79 32.70
C ALA B 170 8.68 -10.41 31.38
N SER B 171 8.82 -9.13 31.01
CA SER B 171 8.31 -8.66 29.73
C SER B 171 9.42 -7.88 29.03
N MET B 172 9.31 -7.77 27.71
CA MET B 172 10.39 -7.17 26.95
C MET B 172 9.83 -6.57 25.68
N PHE B 173 10.45 -5.45 25.26
CA PHE B 173 10.13 -4.82 23.96
C PHE B 173 11.36 -4.91 23.10
N VAL B 174 11.20 -5.32 21.84
CA VAL B 174 12.31 -5.34 20.88
C VAL B 174 11.92 -4.45 19.68
N GLU B 175 12.70 -3.41 19.44
CA GLU B 175 12.37 -2.46 18.38
C GLU B 175 12.54 -3.11 17.00
N GLU B 176 11.76 -2.61 16.02
CA GLU B 176 11.92 -3.05 14.63
C GLU B 176 13.37 -3.09 14.19
N HIS B 177 13.70 -4.11 13.40
CA HIS B 177 15.01 -4.29 12.79
C HIS B 177 16.15 -4.74 13.70
N VAL B 178 15.90 -4.84 15.01
CA VAL B 178 16.93 -5.34 15.91
C VAL B 178 17.04 -6.88 15.86
N PRO B 179 18.19 -7.43 15.44
CA PRO B 179 18.33 -8.89 15.34
C PRO B 179 18.33 -9.49 16.75
N HIS B 180 17.74 -10.66 16.89
CA HIS B 180 17.69 -11.29 18.24
C HIS B 180 17.49 -12.77 18.07
N ALA B 181 17.66 -13.50 19.17
CA ALA B 181 17.35 -14.93 19.20
C ALA B 181 17.30 -15.32 20.66
N PHE B 182 16.59 -16.41 20.96
CA PHE B 182 16.52 -16.84 22.37
C PHE B 182 16.38 -18.35 22.45
N THR B 183 16.79 -18.87 23.60
CA THR B 183 16.55 -20.27 23.97
C THR B 183 16.07 -20.24 25.42
N ALA B 184 15.78 -21.43 25.96
CA ALA B 184 15.64 -21.54 27.39
C ALA B 184 17.02 -21.41 28.04
N ALA B 185 17.02 -21.02 29.31
CA ALA B 185 18.25 -20.84 30.06
C ALA B 185 18.98 -22.18 30.11
N LYS B 186 20.31 -22.13 30.11
CA LYS B 186 21.16 -23.31 30.03
C LYS B 186 20.70 -24.40 31.00
N GLY B 187 20.47 -25.59 30.46
CA GLY B 187 20.07 -26.74 31.28
C GLY B 187 18.70 -26.76 31.94
N THR B 188 17.84 -25.76 31.66
CA THR B 188 16.61 -25.63 32.44
C THR B 188 15.44 -26.33 31.77
N GLY B 189 15.67 -26.94 30.60
N GLY B 189 15.70 -27.02 30.68
CA GLY B 189 14.69 -27.80 29.94
CA GLY B 189 14.64 -27.67 29.94
C GLY B 189 13.94 -27.19 28.76
C GLY B 189 13.88 -26.58 29.23
N SER B 190 12.80 -26.59 29.07
N SER B 190 12.60 -26.76 29.06
CA SER B 190 11.94 -25.89 28.10
CA SER B 190 11.90 -25.93 28.13
C SER B 190 11.41 -24.63 28.75
N ALA B 191 10.98 -23.69 27.91
CA ALA B 191 10.34 -22.47 28.38
C ALA B 191 9.23 -22.14 27.40
N LYS B 192 8.45 -21.14 27.73
CA LYS B 192 7.34 -20.74 26.88
C LYS B 192 7.19 -19.23 26.96
N LEU B 193 6.99 -18.60 25.81
CA LEU B 193 6.71 -17.18 25.88
C LEU B 193 5.59 -16.79 24.91
N ILE B 194 4.99 -15.61 25.14
CA ILE B 194 4.08 -15.05 24.14
C ILE B 194 4.87 -13.94 23.48
N ALA B 195 4.81 -13.91 22.15
CA ALA B 195 5.48 -12.87 21.37
C ALA B 195 4.41 -12.21 20.52
N VAL B 196 4.33 -10.89 20.59
CA VAL B 196 3.33 -10.16 19.83
C VAL B 196 4.07 -9.18 18.93
N ASN B 197 4.16 -9.51 17.65
CA ASN B 197 4.65 -8.57 16.63
C ASN B 197 3.53 -7.62 16.28
N PHE B 198 3.84 -6.33 16.10
CA PHE B 198 2.79 -5.38 15.78
C PHE B 198 3.33 -4.22 14.97
ZN ZN C . -9.46 21.84 -7.13
S SO4 D . 1.90 28.74 -19.58
O1 SO4 D . 3.03 28.44 -18.71
O2 SO4 D . 0.84 27.76 -19.48
O3 SO4 D . 1.39 30.07 -19.25
O4 SO4 D . 2.35 28.73 -20.99
S SO4 E . 2.30 10.76 -1.77
O1 SO4 E . 3.58 10.14 -1.43
O2 SO4 E . 1.28 9.76 -2.12
O3 SO4 E . 1.82 11.50 -0.61
O4 SO4 E . 2.49 11.72 -2.82
S SO4 F . -9.51 14.24 -7.53
O1 SO4 F . -9.71 13.38 -6.37
O2 SO4 F . -9.54 13.42 -8.76
O3 SO4 F . -10.60 15.21 -7.66
O4 SO4 F . -8.19 14.85 -7.39
S SO4 G . -10.41 20.00 -12.15
O1 SO4 G . -9.45 19.87 -11.05
O2 SO4 G . -10.09 19.03 -13.19
O3 SO4 G . -11.77 19.68 -11.72
O4 SO4 G . -10.37 21.34 -12.75
S SO4 H . -14.41 11.27 -18.59
O1 SO4 H . -13.15 10.59 -18.92
O2 SO4 H . -15.53 10.42 -19.03
O3 SO4 H . -14.57 11.57 -17.16
O4 SO4 H . -14.44 12.52 -19.35
S SO4 I . -7.76 -19.93 -10.68
O1 SO4 I . -9.00 -20.59 -10.26
O2 SO4 I . -7.42 -20.42 -12.02
O3 SO4 I . -8.00 -18.49 -10.75
O4 SO4 I . -6.67 -20.23 -9.75
S SO4 J . 15.04 5.47 -0.45
O1 SO4 J . 16.01 4.72 0.35
O2 SO4 J . 15.28 5.23 -1.88
O3 SO4 J . 13.68 5.03 -0.10
O4 SO4 J . 15.16 6.89 -0.16
ZN ZN K . 11.28 -11.56 17.62
S SO4 L . -12.47 -13.20 5.94
O1 SO4 L . -13.18 -13.45 7.19
O2 SO4 L . -13.24 -13.72 4.81
O3 SO4 L . -12.28 -11.76 5.74
O4 SO4 L . -11.17 -13.86 5.99
S SO4 M . 9.50 -10.66 10.43
O1 SO4 M . 10.86 -10.98 10.88
O2 SO4 M . 8.52 -10.81 11.53
O3 SO4 M . 9.42 -9.30 9.91
O4 SO4 M . 9.10 -11.60 9.38
S SO4 N . -0.66 -2.56 10.26
O1 SO4 N . 0.03 -3.10 9.08
O2 SO4 N . -1.12 -3.61 11.15
O3 SO4 N . 0.24 -1.68 11.00
O4 SO4 N . -1.84 -1.80 9.83
S SO4 O . -13.55 2.01 7.75
O1 SO4 O . -12.58 2.37 8.78
O2 SO4 O . -12.87 1.34 6.64
O3 SO4 O . -14.57 1.12 8.30
O4 SO4 O . -14.18 3.23 7.26
S SO4 P . 28.38 -27.72 27.38
O1 SO4 P . 28.74 -28.81 28.29
O2 SO4 P . 27.38 -28.21 26.42
O3 SO4 P . 27.81 -26.63 28.15
O4 SO4 P . 29.55 -27.24 26.64
S SO4 Q . 12.05 -15.70 14.58
O1 SO4 Q . 12.95 -15.21 15.62
O2 SO4 Q . 10.78 -16.11 15.19
O3 SO4 Q . 11.81 -14.64 13.60
O4 SO4 Q . 12.66 -16.85 13.91
S SO4 R . -0.74 -22.54 25.62
O1 SO4 R . 0.24 -22.26 26.68
O2 SO4 R . -1.45 -23.78 25.95
O3 SO4 R . -1.72 -21.45 25.61
O4 SO4 R . -0.07 -22.73 24.34
S SO4 S . 22.72 -30.33 23.71
O1 SO4 S . 21.56 -31.20 23.88
O2 SO4 S . 22.29 -29.03 23.21
O3 SO4 S . 23.38 -30.17 25.00
O4 SO4 S . 23.64 -30.94 22.75
#